data_7ORF
#
_entry.id   7ORF
#
_cell.length_a   54.849
_cell.length_b   71.170
_cell.length_c   108.090
_cell.angle_alpha   90.000
_cell.angle_beta   90.000
_cell.angle_gamma   90.000
#
_symmetry.space_group_name_H-M   'P 21 21 21'
#
loop_
_entity.id
_entity.type
_entity.pdbx_description
1 polymer 'Mitogen-activated protein kinase 10'
2 non-polymer N-[4-[[4-[5-(4-fluorophenyl)-3-methyl-2-methylsulfanyl-imidazol-4-yl]pyridin-2-yl]amino]phenyl]-3-(propanoylamino)benzamide
3 non-polymer 1,2-ETHANEDIOL
4 non-polymer '2-(N-MORPHOLINO)-ETHANESULFONIC ACID'
5 water water
#
_entity_poly.entity_id   1
_entity_poly.type   'polypeptide(L)'
_entity_poly.pdbx_seq_one_letter_code
;SMSKSKVDNQFYSVEVGDSTFTVLKRYQNLKPIGSGAQGIVCAAYDAVLDRNVAIKKLSRPFQNQTHAKRAYRELVLMKC
VNHKNIISLLNVFTPQKTLEEFQDVYLVMELMDANLCQVIQMELDHERMSYLLYQMLCGIKHLHSAGIIHRDLKPSNIVV
KSDCTLKILDFGLARTAGTSFMMTPYVVTRYYRAPEVILGMGYKENVDIWSVGCIMGEMVRHKILFPGRDYIDQWNKVIE
QLGTPCPEFMKKLQPTVRNYVENRPKYAGLTFPKLFPDSLFPADSEHNKLKASQARDLLSKMLVIDPAKRISVDDALQHP
YINVWYDPAEVEAPPPQIYDKQLDEREHTIEEWKELIYKEVMNSE
;
_entity_poly.pdbx_strand_id   A
#
# COMPACT_ATOMS: atom_id res chain seq x y z
N ASP A 8 24.65 -5.96 -23.92
CA ASP A 8 24.53 -6.97 -25.01
C ASP A 8 23.74 -6.41 -26.18
N ASN A 9 23.96 -7.07 -27.34
CA ASN A 9 23.11 -7.01 -28.57
C ASN A 9 21.61 -7.27 -28.30
N GLN A 10 21.33 -7.86 -27.15
CA GLN A 10 19.97 -8.12 -26.76
C GLN A 10 19.22 -6.90 -26.17
N PHE A 11 19.96 -5.86 -25.86
CA PHE A 11 19.46 -4.63 -25.23
C PHE A 11 19.65 -3.45 -26.10
N TYR A 12 18.90 -2.40 -25.81
CA TYR A 12 19.14 -1.06 -26.41
C TYR A 12 18.79 -0.02 -25.34
N SER A 13 19.26 1.21 -25.54
CA SER A 13 19.13 2.28 -24.57
C SER A 13 18.22 3.40 -25.07
N VAL A 14 17.39 3.90 -24.18
CA VAL A 14 16.41 4.96 -24.45
C VAL A 14 16.64 6.09 -23.41
N GLU A 15 16.78 7.33 -23.89
CA GLU A 15 16.89 8.52 -23.02
C GLU A 15 15.53 8.91 -22.50
N VAL A 16 15.41 9.01 -21.18
CA VAL A 16 14.21 9.39 -20.51
C VAL A 16 14.50 10.43 -19.45
N GLY A 17 14.37 11.70 -19.82
CA GLY A 17 14.67 12.79 -18.89
C GLY A 17 16.14 12.74 -18.46
N ASP A 18 16.40 12.64 -17.17
CA ASP A 18 17.76 12.52 -16.62
C ASP A 18 18.37 11.11 -16.77
N SER A 19 17.56 10.15 -17.18
CA SER A 19 17.89 8.73 -17.04
C SER A 19 18.00 8.04 -18.39
N THR A 20 18.61 6.89 -18.35
CA THR A 20 18.69 5.99 -19.48
C THR A 20 18.04 4.66 -19.09
N PHE A 21 17.09 4.20 -19.89
CA PHE A 21 16.51 2.87 -19.75
C PHE A 21 17.18 1.98 -20.76
N THR A 22 17.86 0.97 -20.27
CA THR A 22 18.53 -0.01 -21.10
C THR A 22 17.77 -1.34 -20.96
N VAL A 23 16.99 -1.65 -21.99
CA VAL A 23 15.96 -2.71 -21.91
C VAL A 23 16.09 -3.71 -23.04
N LEU A 24 15.55 -4.89 -22.80
CA LEU A 24 15.50 -5.90 -23.83
C LEU A 24 14.78 -5.36 -25.06
N LYS A 25 15.23 -5.78 -26.25
CA LYS A 25 14.68 -5.28 -27.48
C LYS A 25 13.20 -5.57 -27.73
N ARG A 26 12.64 -6.58 -27.05
CA ARG A 26 11.19 -6.84 -27.09
C ARG A 26 10.37 -5.63 -26.65
N TYR A 27 10.95 -4.80 -25.81
CA TYR A 27 10.20 -3.63 -25.27
C TYR A 27 10.43 -2.40 -26.14
N GLN A 28 9.35 -1.94 -26.75
CA GLN A 28 9.36 -0.90 -27.77
C GLN A 28 8.60 0.34 -27.32
N ASN A 29 8.93 1.47 -27.94
CA ASN A 29 8.16 2.70 -27.82
C ASN A 29 8.03 3.16 -26.36
N LEU A 30 9.14 3.20 -25.63
CA LEU A 30 9.09 3.58 -24.22
C LEU A 30 8.66 5.02 -24.07
N LYS A 31 7.85 5.28 -23.05
CA LYS A 31 7.33 6.62 -22.74
C LYS A 31 7.35 6.74 -21.21
N PRO A 32 7.78 7.91 -20.69
CA PRO A 32 7.78 8.06 -19.26
C PRO A 32 6.40 8.14 -18.70
N ILE A 33 6.24 7.54 -17.56
CA ILE A 33 5.07 7.70 -16.71
C ILE A 33 5.51 8.67 -15.63
N GLY A 34 6.45 8.25 -14.76
CA GLY A 34 7.11 9.24 -13.87
C GLY A 34 8.17 8.61 -12.98
N SER A 35 8.54 9.32 -11.91
CA SER A 35 9.52 8.82 -10.93
C SER A 35 9.01 8.81 -9.47
N GLY A 36 9.58 7.91 -8.67
CA GLY A 36 9.30 7.81 -7.24
C GLY A 36 10.57 7.52 -6.43
N ALA A 37 10.41 7.43 -5.11
CA ALA A 37 11.51 7.06 -4.18
C ALA A 37 12.24 5.77 -4.61
N GLN A 38 11.48 4.81 -5.15
CA GLN A 38 12.03 3.50 -5.55
C GLN A 38 12.08 3.31 -7.07
N GLY A 39 12.36 4.36 -7.84
CA GLY A 39 12.63 4.14 -9.26
C GLY A 39 11.80 4.92 -10.26
N ILE A 40 12.18 4.76 -11.51
CA ILE A 40 11.55 5.45 -12.60
C ILE A 40 10.73 4.43 -13.30
N VAL A 41 9.60 4.85 -13.87
CA VAL A 41 8.71 3.99 -14.62
C VAL A 41 8.38 4.48 -16.01
N CYS A 42 8.46 3.56 -16.99
CA CYS A 42 8.03 3.81 -18.38
C CYS A 42 6.94 2.85 -18.79
N ALA A 43 6.07 3.31 -19.68
CA ALA A 43 5.21 2.44 -20.44
C ALA A 43 5.95 1.96 -21.69
N ALA A 44 5.59 0.78 -22.14
CA ALA A 44 6.25 0.19 -23.35
C ALA A 44 5.30 -0.78 -23.96
N TYR A 45 5.51 -1.09 -25.24
CA TYR A 45 4.84 -2.22 -25.89
C TYR A 45 5.79 -3.42 -25.88
N ASP A 46 5.32 -4.55 -25.39
CA ASP A 46 6.06 -5.80 -25.40
C ASP A 46 5.69 -6.60 -26.64
N ALA A 47 6.64 -6.64 -27.59
CA ALA A 47 6.40 -7.24 -28.91
C ALA A 47 6.32 -8.76 -28.83
N VAL A 48 6.89 -9.32 -27.76
CA VAL A 48 6.78 -10.76 -27.53
C VAL A 48 5.39 -11.18 -27.06
N LEU A 49 4.87 -10.47 -26.06
CA LEU A 49 3.55 -10.75 -25.51
C LEU A 49 2.40 -10.11 -26.27
N ASP A 50 2.73 -9.14 -27.13
CA ASP A 50 1.76 -8.29 -27.80
C ASP A 50 0.82 -7.61 -26.81
N ARG A 51 1.40 -6.94 -25.84
CA ARG A 51 0.62 -6.17 -24.87
C ARG A 51 1.47 -5.09 -24.29
N ASN A 52 0.78 -4.13 -23.70
CA ASN A 52 1.42 -2.98 -23.12
C ASN A 52 1.88 -3.32 -21.70
N VAL A 53 3.07 -2.87 -21.36
CA VAL A 53 3.67 -3.14 -20.05
C VAL A 53 4.16 -1.86 -19.38
N ALA A 54 4.40 -1.96 -18.07
CA ALA A 54 5.08 -0.88 -17.33
C ALA A 54 6.42 -1.45 -16.92
N ILE A 55 7.48 -0.66 -17.08
CA ILE A 55 8.81 -1.08 -16.71
C ILE A 55 9.37 -0.12 -15.66
N LYS A 56 9.80 -0.68 -14.54
CA LYS A 56 10.37 0.08 -13.44
C LYS A 56 11.83 -0.26 -13.32
N LYS A 57 12.63 0.77 -13.22
CA LYS A 57 14.06 0.65 -13.07
C LYS A 57 14.44 0.88 -11.62
N LEU A 58 15.11 -0.09 -11.03
CA LEU A 58 15.75 0.06 -9.72
C LEU A 58 17.24 0.30 -9.95
N SER A 59 17.72 1.48 -9.59
CA SER A 59 19.14 1.82 -9.76
C SER A 59 19.94 1.64 -8.48
N ARG A 60 20.91 0.73 -8.49
CA ARG A 60 21.82 0.49 -7.35
C ARG A 60 21.04 0.30 -6.03
N PRO A 61 20.02 -0.56 -6.05
CA PRO A 61 19.22 -0.67 -4.81
C PRO A 61 20.02 -1.18 -3.60
N PHE A 62 21.08 -1.94 -3.88
CA PHE A 62 21.96 -2.46 -2.85
C PHE A 62 22.78 -1.40 -2.10
N GLN A 63 22.83 -0.17 -2.60
CA GLN A 63 23.59 0.90 -1.99
C GLN A 63 22.91 1.58 -0.79
N ASN A 64 21.72 1.13 -0.41
CA ASN A 64 21.05 1.65 0.74
C ASN A 64 20.38 0.44 1.37
N GLN A 65 20.57 0.25 2.66
CA GLN A 65 20.12 -0.99 3.30
C GLN A 65 18.59 -1.15 3.28
N THR A 66 17.84 -0.05 3.42
CA THR A 66 16.38 -0.06 3.38
C THR A 66 15.88 -0.38 1.97
N HIS A 67 16.50 0.28 0.98
CA HIS A 67 16.17 -0.02 -0.37
C HIS A 67 16.54 -1.46 -0.75
N ALA A 68 17.65 -1.94 -0.20
CA ALA A 68 18.17 -3.25 -0.58
C ALA A 68 17.22 -4.35 -0.07
N LYS A 69 16.86 -4.22 1.19
CA LYS A 69 15.94 -5.15 1.85
C LYS A 69 14.59 -5.15 1.14
N ARG A 70 14.09 -3.97 0.78
CA ARG A 70 12.83 -3.91 0.06
C ARG A 70 12.92 -4.60 -1.30
N ALA A 71 13.95 -4.28 -2.07
CA ALA A 71 14.04 -4.91 -3.38
C ALA A 71 14.12 -6.44 -3.27
N TYR A 72 14.94 -6.90 -2.34
CA TYR A 72 15.16 -8.29 -2.19
C TYR A 72 13.88 -8.98 -1.73
N ARG A 73 13.26 -8.43 -0.68
CA ARG A 73 12.10 -9.15 -0.15
C ARG A 73 10.96 -9.17 -1.16
N GLU A 74 10.84 -8.12 -1.96
CA GLU A 74 9.80 -8.05 -2.95
C GLU A 74 10.04 -8.95 -4.13
N LEU A 75 11.30 -9.18 -4.51
CA LEU A 75 11.55 -10.21 -5.51
C LEU A 75 11.19 -11.61 -4.99
N VAL A 76 11.56 -11.88 -3.74
CA VAL A 76 11.31 -13.19 -3.11
C VAL A 76 9.81 -13.40 -2.90
N LEU A 77 9.09 -12.41 -2.38
CA LEU A 77 7.68 -12.59 -2.03
C LEU A 77 6.74 -12.61 -3.25
N MET A 78 7.24 -12.13 -4.39
CA MET A 78 6.48 -12.14 -5.65
C MET A 78 5.94 -13.52 -5.99
N LYS A 79 6.74 -14.55 -5.72
CA LYS A 79 6.43 -15.90 -6.03
C LYS A 79 5.44 -16.53 -4.99
N CYS A 80 5.18 -15.83 -3.89
CA CYS A 80 4.37 -16.34 -2.78
C CYS A 80 2.93 -15.90 -2.85
N VAL A 81 2.55 -15.14 -3.91
CA VAL A 81 1.18 -14.66 -4.07
C VAL A 81 0.77 -14.91 -5.51
N ASN A 82 -0.52 -14.96 -5.75
CA ASN A 82 -1.07 -15.12 -7.06
C ASN A 82 -2.53 -14.67 -7.08
N HIS A 83 -2.72 -13.36 -7.29
CA HIS A 83 -4.03 -12.77 -7.20
C HIS A 83 -4.08 -11.51 -8.09
N LYS A 84 -5.18 -11.32 -8.77
CA LYS A 84 -5.33 -10.23 -9.72
C LYS A 84 -5.28 -8.83 -9.09
N ASN A 85 -5.50 -8.72 -7.77
CA ASN A 85 -5.34 -7.45 -7.10
C ASN A 85 -3.95 -7.21 -6.46
N ILE A 86 -2.99 -8.10 -6.75
CA ILE A 86 -1.62 -7.94 -6.28
C ILE A 86 -0.70 -8.02 -7.49
N ILE A 87 0.29 -7.13 -7.53
CA ILE A 87 1.35 -7.22 -8.52
C ILE A 87 1.79 -8.66 -8.85
N SER A 88 1.91 -8.93 -10.14
CA SER A 88 2.52 -10.15 -10.69
C SER A 88 3.51 -9.73 -11.80
N LEU A 89 4.78 -9.93 -11.56
CA LEU A 89 5.84 -9.58 -12.57
C LEU A 89 5.80 -10.50 -13.78
N LEU A 90 5.79 -9.89 -14.96
CA LEU A 90 5.98 -10.54 -16.19
C LEU A 90 7.45 -10.82 -16.49
N ASN A 91 8.35 -9.97 -16.02
CA ASN A 91 9.78 -10.14 -16.29
C ASN A 91 10.60 -9.40 -15.28
N VAL A 92 11.82 -9.92 -15.03
CA VAL A 92 12.83 -9.27 -14.25
C VAL A 92 14.15 -9.42 -14.99
N PHE A 93 14.87 -8.34 -15.17
CA PHE A 93 16.16 -8.47 -15.89
C PHE A 93 17.17 -7.42 -15.49
N THR A 94 18.43 -7.71 -15.83
CA THR A 94 19.45 -6.65 -15.76
C THR A 94 20.26 -6.68 -17.06
N PRO A 95 20.61 -5.49 -17.57
CA PRO A 95 21.47 -5.45 -18.77
C PRO A 95 22.91 -5.70 -18.43
N GLN A 96 23.29 -5.67 -17.16
CA GLN A 96 24.69 -5.92 -16.79
C GLN A 96 24.98 -7.42 -16.75
N LYS A 97 26.20 -7.79 -17.12
CA LYS A 97 26.53 -9.18 -17.49
C LYS A 97 27.25 -10.01 -16.40
N THR A 98 27.72 -9.35 -15.35
CA THR A 98 28.40 -9.99 -14.24
C THR A 98 28.00 -9.33 -12.94
N LEU A 99 28.26 -10.05 -11.85
CA LEU A 99 28.05 -9.53 -10.51
C LEU A 99 28.84 -8.26 -10.34
N GLU A 100 30.08 -8.24 -10.85
CA GLU A 100 30.97 -7.11 -10.65
C GLU A 100 30.38 -5.86 -11.30
N GLU A 101 29.82 -6.02 -12.49
CA GLU A 101 29.26 -4.87 -13.26
C GLU A 101 27.80 -4.54 -12.90
N PHE A 102 27.17 -5.41 -12.15
CA PHE A 102 25.71 -5.29 -11.86
C PHE A 102 25.41 -3.96 -11.17
N GLN A 103 24.42 -3.26 -11.70
CA GLN A 103 23.96 -1.99 -11.06
C GLN A 103 22.43 -1.91 -10.97
N ASP A 104 21.74 -2.26 -12.05
CA ASP A 104 20.33 -1.92 -12.23
C ASP A 104 19.45 -3.13 -12.40
N VAL A 105 18.26 -3.08 -11.80
CA VAL A 105 17.22 -4.13 -11.95
C VAL A 105 16.04 -3.52 -12.66
N TYR A 106 15.52 -4.23 -13.65
CA TYR A 106 14.28 -3.79 -14.33
C TYR A 106 13.15 -4.81 -14.04
N LEU A 107 11.99 -4.31 -13.62
CA LEU A 107 10.82 -5.09 -13.32
C LEU A 107 9.77 -4.74 -14.33
N VAL A 108 9.04 -5.72 -14.83
CA VAL A 108 8.03 -5.51 -15.84
C VAL A 108 6.72 -6.12 -15.41
N MET A 109 5.62 -5.38 -15.59
CA MET A 109 4.30 -5.92 -15.32
C MET A 109 3.33 -5.36 -16.30
N GLU A 110 2.09 -5.79 -16.17
CA GLU A 110 0.96 -5.30 -16.97
C GLU A 110 0.86 -3.77 -16.80
N LEU A 111 0.62 -3.05 -17.90
CA LEU A 111 0.48 -1.56 -17.83
C LEU A 111 -0.89 -1.18 -17.27
N MET A 112 -0.90 -0.44 -16.17
CA MET A 112 -2.13 0.09 -15.61
C MET A 112 -2.28 1.54 -16.07
N ASP A 113 -3.45 2.15 -15.78
CA ASP A 113 -3.76 3.44 -16.38
C ASP A 113 -3.51 4.65 -15.51
N ALA A 114 -3.46 4.47 -14.21
CA ALA A 114 -3.41 5.57 -13.25
C ALA A 114 -2.95 5.12 -11.87
N ASN A 115 -2.42 6.07 -11.12
CA ASN A 115 -2.16 5.94 -9.71
C ASN A 115 -3.49 6.17 -8.95
N LEU A 116 -3.61 5.55 -7.80
CA LEU A 116 -4.83 5.71 -7.03
C LEU A 116 -5.07 7.17 -6.67
N CYS A 117 -4.01 7.92 -6.43
CA CYS A 117 -4.15 9.38 -6.12
C CYS A 117 -4.97 10.11 -7.20
N GLN A 118 -4.86 9.69 -8.47
CA GLN A 118 -5.66 10.31 -9.53
C GLN A 118 -7.13 10.01 -9.40
N VAL A 119 -7.46 8.81 -8.94
CA VAL A 119 -8.82 8.43 -8.68
C VAL A 119 -9.37 9.10 -7.43
N ILE A 120 -8.55 9.23 -6.43
CA ILE A 120 -8.93 9.91 -5.21
C ILE A 120 -9.37 11.35 -5.46
N GLN A 121 -8.74 12.01 -6.45
CA GLN A 121 -9.05 13.35 -6.89
CA GLN A 121 -9.14 13.38 -6.73
C GLN A 121 -10.38 13.48 -7.63
N MET A 122 -10.93 12.36 -8.11
CA MET A 122 -12.16 12.40 -8.90
C MET A 122 -13.34 12.56 -7.90
N GLU A 123 -14.46 13.03 -8.42
CA GLU A 123 -15.69 13.20 -7.64
C GLU A 123 -16.09 11.85 -7.07
N LEU A 124 -16.49 11.87 -5.82
CA LEU A 124 -16.90 10.65 -5.11
C LEU A 124 -18.05 9.93 -5.83
N ASP A 125 -17.89 8.63 -6.05
CA ASP A 125 -18.90 7.80 -6.66
C ASP A 125 -18.95 6.46 -5.85
N HIS A 126 -20.11 6.08 -5.31
CA HIS A 126 -20.21 4.92 -4.41
C HIS A 126 -19.87 3.60 -5.10
N GLU A 127 -20.33 3.44 -6.33
CA GLU A 127 -20.03 2.21 -7.06
C GLU A 127 -18.51 2.10 -7.21
N ARG A 128 -17.85 3.15 -7.68
CA ARG A 128 -16.37 3.12 -7.82
C ARG A 128 -15.65 2.95 -6.50
N MET A 129 -16.00 3.75 -5.47
CA MET A 129 -15.28 3.66 -4.21
C MET A 129 -15.45 2.28 -3.61
N SER A 130 -16.70 1.76 -3.61
CA SER A 130 -16.93 0.46 -2.99
C SER A 130 -16.18 -0.63 -3.73
N TYR A 131 -16.08 -0.54 -5.04
CA TYR A 131 -15.42 -1.57 -5.83
C TYR A 131 -13.89 -1.51 -5.58
N LEU A 132 -13.36 -0.27 -5.50
CA LEU A 132 -11.93 -0.09 -5.29
C LEU A 132 -11.57 -0.66 -3.91
N LEU A 133 -12.36 -0.30 -2.89
CA LEU A 133 -12.14 -0.82 -1.52
C LEU A 133 -12.30 -2.34 -1.46
N TYR A 134 -13.30 -2.88 -2.14
CA TYR A 134 -13.51 -4.34 -2.21
C TYR A 134 -12.20 -5.03 -2.72
N GLN A 135 -11.66 -4.50 -3.81
CA GLN A 135 -10.43 -5.07 -4.39
C GLN A 135 -9.22 -4.93 -3.48
N MET A 136 -9.07 -3.81 -2.80
CA MET A 136 -8.01 -3.65 -1.82
CA MET A 136 -8.01 -3.67 -1.84
C MET A 136 -8.16 -4.73 -0.75
N LEU A 137 -9.39 -4.93 -0.29
CA LEU A 137 -9.62 -5.92 0.78
C LEU A 137 -9.35 -7.36 0.29
N CYS A 138 -9.71 -7.68 -0.97
CA CYS A 138 -9.38 -8.99 -1.56
C CYS A 138 -7.86 -9.20 -1.60
N GLY A 139 -7.15 -8.18 -2.07
CA GLY A 139 -5.70 -8.23 -2.02
C GLY A 139 -5.09 -8.45 -0.69
N ILE A 140 -5.53 -7.65 0.29
CA ILE A 140 -5.05 -7.79 1.64
C ILE A 140 -5.31 -9.18 2.19
N LYS A 141 -6.54 -9.69 1.97
CA LYS A 141 -6.88 -11.04 2.45
C LYS A 141 -5.93 -12.11 1.88
N HIS A 142 -5.66 -11.98 0.59
CA HIS A 142 -4.71 -12.87 -0.09
C HIS A 142 -3.29 -12.81 0.48
N LEU A 143 -2.79 -11.60 0.69
CA LEU A 143 -1.50 -11.37 1.35
C LEU A 143 -1.50 -12.05 2.71
N HIS A 144 -2.56 -11.83 3.48
CA HIS A 144 -2.59 -12.44 4.78
C HIS A 144 -2.51 -13.97 4.70
N SER A 145 -3.22 -14.57 3.74
CA SER A 145 -3.22 -16.02 3.62
CA SER A 145 -3.22 -16.01 3.62
C SER A 145 -1.85 -16.55 3.25
N ALA A 146 -1.05 -15.73 2.58
CA ALA A 146 0.34 -16.04 2.29
C ALA A 146 1.31 -15.71 3.41
N GLY A 147 0.83 -15.26 4.56
CA GLY A 147 1.76 -14.92 5.68
C GLY A 147 2.34 -13.53 5.61
N ILE A 148 1.73 -12.61 4.86
CA ILE A 148 2.26 -11.28 4.64
C ILE A 148 1.25 -10.29 5.21
N ILE A 149 1.60 -9.59 6.27
CA ILE A 149 0.76 -8.57 6.87
C ILE A 149 1.48 -7.25 6.55
N HIS A 150 0.83 -6.42 5.74
CA HIS A 150 1.55 -5.38 4.98
C HIS A 150 2.08 -4.21 5.85
N ARG A 151 1.16 -3.57 6.55
CA ARG A 151 1.44 -2.51 7.52
C ARG A 151 1.80 -1.15 6.97
N ASP A 152 1.80 -1.01 5.66
CA ASP A 152 2.12 0.32 5.06
C ASP A 152 1.46 0.52 3.72
N LEU A 153 0.18 0.10 3.64
CA LEU A 153 -0.57 0.25 2.40
C LEU A 153 -0.91 1.71 2.20
N LYS A 154 -0.62 2.27 1.00
CA LYS A 154 -0.88 3.67 0.74
C LYS A 154 -1.15 3.91 -0.72
N PRO A 155 -1.73 5.05 -1.08
CA PRO A 155 -2.14 5.24 -2.42
C PRO A 155 -0.97 5.18 -3.45
N SER A 156 0.23 5.56 -3.03
CA SER A 156 1.37 5.60 -3.98
C SER A 156 1.73 4.21 -4.50
N ASN A 157 1.38 3.13 -3.77
CA ASN A 157 1.61 1.76 -4.21
C ASN A 157 0.37 1.08 -4.69
N ILE A 158 -0.65 1.85 -5.13
CA ILE A 158 -1.82 1.25 -5.69
C ILE A 158 -2.10 1.88 -7.04
N VAL A 159 -2.34 1.03 -8.04
CA VAL A 159 -2.62 1.48 -9.40
C VAL A 159 -3.97 0.96 -9.87
N VAL A 160 -4.53 1.64 -10.86
N VAL A 160 -4.56 1.66 -10.83
CA VAL A 160 -5.88 1.38 -11.29
CA VAL A 160 -5.82 1.23 -11.37
C VAL A 160 -5.97 1.42 -12.81
C VAL A 160 -5.87 1.28 -12.86
N LYS A 161 -6.88 0.63 -13.41
CA LYS A 161 -7.17 0.72 -14.85
C LYS A 161 -8.45 1.48 -15.07
N SER A 162 -8.67 1.87 -16.33
CA SER A 162 -9.88 2.59 -16.70
CA SER A 162 -9.87 2.61 -16.68
C SER A 162 -11.16 1.83 -16.41
N ASP A 163 -11.09 0.50 -16.36
CA ASP A 163 -12.26 -0.30 -15.94
C ASP A 163 -12.44 -0.40 -14.42
N CYS A 164 -11.69 0.40 -13.64
N CYS A 164 -11.69 0.41 -13.65
CA CYS A 164 -11.77 0.42 -12.18
CA CYS A 164 -11.69 0.42 -12.18
C CYS A 164 -11.12 -0.79 -11.49
C CYS A 164 -11.11 -0.80 -11.50
N THR A 165 -10.44 -1.66 -12.25
CA THR A 165 -9.67 -2.74 -11.60
C THR A 165 -8.43 -2.20 -11.00
N LEU A 166 -7.93 -2.88 -9.96
CA LEU A 166 -6.91 -2.33 -9.08
C LEU A 166 -5.83 -3.34 -8.72
N LYS A 167 -4.60 -2.88 -8.55
CA LYS A 167 -3.53 -3.73 -8.06
C LYS A 167 -2.71 -3.02 -6.98
N ILE A 168 -2.34 -3.79 -5.98
CA ILE A 168 -1.36 -3.39 -4.95
C ILE A 168 0.02 -3.77 -5.43
N LEU A 169 0.95 -2.80 -5.37
CA LEU A 169 2.29 -3.01 -5.98
C LEU A 169 3.43 -3.42 -5.06
N ASP A 170 3.24 -3.33 -3.74
CA ASP A 170 4.30 -3.61 -2.78
C ASP A 170 3.77 -4.53 -1.66
N PHE A 171 4.71 -4.99 -0.82
CA PHE A 171 4.44 -5.96 0.18
C PHE A 171 4.65 -5.42 1.60
N GLY A 172 4.87 -4.11 1.74
CA GLY A 172 4.94 -3.51 3.03
C GLY A 172 6.21 -3.73 3.80
N LEU A 173 6.08 -3.80 5.13
CA LEU A 173 7.22 -3.68 6.05
C LEU A 173 7.82 -5.00 6.42
N ALA A 174 9.08 -4.97 6.84
CA ALA A 174 9.68 -6.13 7.49
C ALA A 174 8.86 -6.58 8.68
N ARG A 175 8.82 -7.90 8.87
CA ARG A 175 8.01 -8.51 9.94
C ARG A 175 8.10 -7.81 11.31
N THR A 176 9.32 -7.40 11.70
CA THR A 176 9.53 -6.81 13.04
C THR A 176 8.98 -5.39 13.19
N ALA A 177 8.74 -4.68 12.10
CA ALA A 177 8.29 -3.29 12.23
C ALA A 177 6.89 -3.25 12.92
N GLY A 178 6.77 -2.42 13.95
CA GLY A 178 5.55 -2.38 14.76
C GLY A 178 5.65 -3.19 16.05
N THR A 179 6.74 -3.95 16.22
CA THR A 179 7.03 -4.60 17.50
C THR A 179 7.93 -3.75 18.47
N SER A 180 8.39 -2.58 18.03
CA SER A 180 9.00 -1.59 18.95
C SER A 180 8.73 -0.17 18.49
N PHE A 181 8.88 0.79 19.41
CA PHE A 181 8.47 2.19 19.15
C PHE A 181 9.10 2.76 17.87
N MET A 182 8.27 3.42 17.03
CA MET A 182 8.71 4.06 15.75
C MET A 182 9.10 5.56 15.83
N MET A 183 10.41 5.83 15.81
CA MET A 183 10.97 7.12 15.41
C MET A 183 12.28 6.84 14.66
N THR A 184 12.46 7.47 13.51
CA THR A 184 13.64 7.21 12.68
C THR A 184 14.64 8.36 12.89
N PRO A 185 15.94 8.15 12.54
CA PRO A 185 16.91 9.27 12.55
C PRO A 185 16.60 10.41 11.56
N TYR A 186 16.00 10.05 10.41
CA TYR A 186 15.43 11.01 9.46
C TYR A 186 13.89 10.82 9.34
N VAL A 187 13.27 11.73 8.58
CA VAL A 187 11.84 11.66 8.29
C VAL A 187 11.52 10.42 7.45
N VAL A 188 10.63 9.62 7.97
CA VAL A 188 9.86 8.66 7.21
C VAL A 188 8.43 9.16 7.40
N THR A 189 7.62 9.14 6.34
CA THR A 189 6.19 9.45 6.47
C THR A 189 5.44 8.17 6.93
N ARG A 190 4.46 8.37 7.77
CA ARG A 190 3.73 7.27 8.37
C ARG A 190 2.26 7.61 8.32
N TYR A 191 1.81 8.32 7.25
CA TYR A 191 0.39 8.82 7.29
C TYR A 191 -0.63 7.68 7.34
N TYR A 192 -0.27 6.49 6.83
CA TYR A 192 -1.21 5.35 6.73
C TYR A 192 -0.92 4.25 7.72
N ARG A 193 0.08 4.42 8.59
CA ARG A 193 0.43 3.36 9.53
C ARG A 193 -0.43 3.33 10.76
N ALA A 194 -0.80 2.12 11.17
CA ALA A 194 -1.65 1.92 12.31
C ALA A 194 -1.05 2.40 13.64
N PRO A 195 -1.90 2.79 14.58
CA PRO A 195 -1.44 3.11 15.94
C PRO A 195 -0.57 2.02 16.60
N GLU A 196 -0.95 0.76 16.42
CA GLU A 196 -0.22 -0.31 17.10
C GLU A 196 1.17 -0.46 16.53
N VAL A 197 1.34 -0.06 15.29
CA VAL A 197 2.62 -0.13 14.61
C VAL A 197 3.50 1.05 15.06
N ILE A 198 2.98 2.26 14.95
CA ILE A 198 3.80 3.44 15.26
C ILE A 198 4.19 3.52 16.73
N LEU A 199 3.39 2.90 17.59
CA LEU A 199 3.68 2.84 19.03
C LEU A 199 4.38 1.55 19.46
N GLY A 200 4.59 0.59 18.55
CA GLY A 200 5.41 -0.58 18.87
C GLY A 200 4.74 -1.61 19.76
N MET A 201 3.46 -1.81 19.52
CA MET A 201 2.63 -2.69 20.34
C MET A 201 2.50 -4.13 19.84
N GLY A 202 3.03 -4.44 18.68
CA GLY A 202 2.73 -5.76 18.03
C GLY A 202 1.39 -5.57 17.31
N TYR A 203 1.00 -6.55 16.52
CA TYR A 203 -0.09 -6.34 15.60
C TYR A 203 -0.61 -7.73 15.19
N LYS A 204 -1.79 -7.73 14.58
CA LYS A 204 -2.41 -8.91 13.97
C LYS A 204 -2.94 -8.42 12.60
N GLU A 205 -3.69 -9.28 11.90
CA GLU A 205 -4.12 -9.04 10.54
C GLU A 205 -4.86 -7.71 10.33
N ASN A 206 -5.71 -7.34 11.27
CA ASN A 206 -6.51 -6.13 11.10
C ASN A 206 -5.71 -4.82 11.23
N VAL A 207 -4.39 -4.91 11.51
CA VAL A 207 -3.52 -3.77 11.33
C VAL A 207 -3.74 -3.12 9.96
N ASP A 208 -3.94 -3.99 8.94
CA ASP A 208 -4.12 -3.44 7.58
C ASP A 208 -5.44 -2.73 7.34
N ILE A 209 -6.44 -3.02 8.15
CA ILE A 209 -7.73 -2.35 8.04
C ILE A 209 -7.61 -0.84 8.37
N TRP A 210 -6.71 -0.48 9.29
CA TRP A 210 -6.49 0.92 9.60
C TRP A 210 -6.15 1.66 8.30
N SER A 211 -5.23 1.10 7.51
CA SER A 211 -4.76 1.78 6.32
C SER A 211 -5.86 1.85 5.26
N VAL A 212 -6.70 0.80 5.16
CA VAL A 212 -7.86 0.86 4.27
C VAL A 212 -8.79 2.01 4.72
N GLY A 213 -9.00 2.13 6.02
CA GLY A 213 -9.80 3.23 6.54
C GLY A 213 -9.22 4.62 6.19
N CYS A 214 -7.91 4.78 6.30
CA CYS A 214 -7.25 6.03 5.90
C CYS A 214 -7.48 6.36 4.43
N ILE A 215 -7.43 5.33 3.59
CA ILE A 215 -7.62 5.52 2.19
C ILE A 215 -9.07 5.86 1.86
N MET A 216 -10.01 5.14 2.45
CA MET A 216 -11.39 5.38 2.25
C MET A 216 -11.75 6.84 2.65
N GLY A 217 -11.24 7.24 3.79
CA GLY A 217 -11.51 8.59 4.29
C GLY A 217 -10.96 9.65 3.38
N GLU A 218 -9.79 9.37 2.84
CA GLU A 218 -9.13 10.26 1.88
C GLU A 218 -9.92 10.38 0.57
N MET A 219 -10.49 9.27 0.15
CA MET A 219 -11.41 9.29 -1.01
C MET A 219 -12.60 10.23 -0.81
N VAL A 220 -13.12 10.26 0.41
CA VAL A 220 -14.25 11.06 0.71
C VAL A 220 -13.88 12.56 0.82
N ARG A 221 -12.82 12.83 1.60
CA ARG A 221 -12.38 14.21 1.83
C ARG A 221 -11.57 14.80 0.66
N HIS A 222 -10.95 13.94 -0.17
CA HIS A 222 -9.94 14.33 -1.15
C HIS A 222 -8.68 14.90 -0.51
N LYS A 223 -8.39 14.48 0.73
CA LYS A 223 -7.30 15.00 1.55
C LYS A 223 -6.78 13.88 2.44
N ILE A 224 -5.50 13.87 2.66
CA ILE A 224 -4.92 12.87 3.53
C ILE A 224 -5.51 13.11 4.93
N LEU A 225 -5.94 12.03 5.58
CA LEU A 225 -6.58 12.19 6.88
C LEU A 225 -5.65 12.63 8.00
N PHE A 226 -4.49 11.97 8.10
CA PHE A 226 -3.55 12.15 9.23
C PHE A 226 -2.17 12.51 8.69
N PRO A 227 -2.01 13.73 8.15
CA PRO A 227 -0.73 14.13 7.51
C PRO A 227 0.29 14.65 8.56
N GLY A 228 0.80 13.79 9.42
CA GLY A 228 1.77 14.21 10.42
C GLY A 228 3.14 14.65 9.86
N ARG A 229 3.58 15.84 10.26
CA ARG A 229 4.94 16.34 9.94
C ARG A 229 6.09 15.50 10.48
N ASP A 230 5.85 14.78 11.58
CA ASP A 230 6.83 13.88 12.21
C ASP A 230 6.06 12.91 13.09
N TYR A 231 6.76 12.02 13.81
CA TYR A 231 6.11 10.97 14.58
C TYR A 231 5.18 11.56 15.67
N ILE A 232 5.59 12.70 16.25
CA ILE A 232 4.78 13.38 17.31
C ILE A 232 3.48 13.91 16.70
N ASP A 233 3.60 14.68 15.63
CA ASP A 233 2.46 15.32 15.00
C ASP A 233 1.51 14.28 14.41
N GLN A 234 2.08 13.14 13.95
CA GLN A 234 1.29 12.00 13.41
C GLN A 234 0.27 11.52 14.44
N TRP A 235 0.74 11.22 15.64
CA TRP A 235 -0.13 10.79 16.66
C TRP A 235 -1.13 11.88 16.98
N ASN A 236 -0.69 13.14 17.05
CA ASN A 236 -1.61 14.21 17.33
C ASN A 236 -2.78 14.40 16.31
N LYS A 237 -2.50 14.23 15.02
CA LYS A 237 -3.56 14.31 14.01
C LYS A 237 -4.62 13.23 14.24
N VAL A 238 -4.17 12.07 14.70
CA VAL A 238 -5.05 10.95 14.97
C VAL A 238 -5.96 11.25 16.14
N ILE A 239 -5.38 11.64 17.27
CA ILE A 239 -6.21 11.76 18.50
C ILE A 239 -7.10 12.99 18.44
N GLU A 240 -6.63 14.06 17.80
CA GLU A 240 -7.46 15.26 17.53
C GLU A 240 -8.79 14.93 16.90
N GLN A 241 -8.79 14.00 15.94
CA GLN A 241 -9.99 13.65 15.23
C GLN A 241 -10.72 12.48 15.87
N LEU A 242 -10.00 11.44 16.28
CA LEU A 242 -10.66 10.24 16.77
C LEU A 242 -10.80 10.16 18.29
N GLY A 243 -10.06 10.98 19.01
CA GLY A 243 -10.13 10.96 20.47
C GLY A 243 -8.98 10.19 21.07
N THR A 244 -8.64 10.56 22.29
CA THR A 244 -7.65 9.81 23.13
C THR A 244 -8.13 8.41 23.33
N PRO A 245 -7.27 7.40 23.08
CA PRO A 245 -7.81 6.04 23.19
C PRO A 245 -8.05 5.59 24.65
N CYS A 246 -8.72 4.44 24.77
CA CYS A 246 -9.23 3.96 26.07
C CYS A 246 -8.10 3.57 27.01
N PRO A 247 -8.34 3.61 28.34
CA PRO A 247 -7.28 3.13 29.24
C PRO A 247 -6.74 1.70 28.96
N GLU A 248 -7.58 0.77 28.50
CA GLU A 248 -7.12 -0.61 28.22
C GLU A 248 -6.08 -0.62 27.14
N PHE A 249 -6.24 0.27 26.17
CA PHE A 249 -5.22 0.45 25.14
C PHE A 249 -3.94 1.06 25.74
N MET A 250 -4.08 2.11 26.56
CA MET A 250 -2.88 2.72 27.18
C MET A 250 -2.10 1.70 28.03
N LYS A 251 -2.83 0.86 28.77
CA LYS A 251 -2.20 -0.21 29.58
C LYS A 251 -1.36 -1.19 28.77
N LYS A 252 -1.65 -1.33 27.49
CA LYS A 252 -0.86 -2.21 26.60
C LYS A 252 0.44 -1.57 26.17
N LEU A 253 0.64 -0.28 26.47
CA LEU A 253 1.87 0.40 26.08
C LEU A 253 2.97 0.14 27.09
N GLN A 254 4.16 -0.06 26.57
CA GLN A 254 5.38 -0.07 27.34
C GLN A 254 5.41 1.25 28.17
N PRO A 255 5.76 1.19 29.47
CA PRO A 255 5.59 2.35 30.35
C PRO A 255 6.16 3.69 29.83
N THR A 256 7.36 3.64 29.27
CA THR A 256 8.04 4.82 28.68
C THR A 256 7.19 5.41 27.50
N VAL A 257 6.62 4.52 26.69
CA VAL A 257 5.76 4.91 25.60
C VAL A 257 4.45 5.46 26.15
N ARG A 258 3.94 4.85 27.22
CA ARG A 258 2.68 5.28 27.81
CA ARG A 258 2.68 5.28 27.79
C ARG A 258 2.77 6.73 28.30
N ASN A 259 3.85 7.06 28.98
CA ASN A 259 4.08 8.44 29.46
C ASN A 259 4.10 9.42 28.28
N TYR A 260 4.80 9.04 27.23
CA TYR A 260 4.92 9.84 25.99
C TYR A 260 3.52 10.06 25.40
N VAL A 261 2.73 8.98 25.26
CA VAL A 261 1.40 9.09 24.71
C VAL A 261 0.42 9.88 25.55
N GLU A 262 0.48 9.70 26.86
CA GLU A 262 -0.46 10.38 27.72
C GLU A 262 -0.09 11.83 28.03
N ASN A 263 1.17 12.23 27.79
CA ASN A 263 1.59 13.63 28.06
C ASN A 263 1.23 14.51 26.87
N ARG A 264 -0.06 14.72 26.76
CA ARG A 264 -0.67 15.40 25.64
C ARG A 264 -2.04 15.80 26.04
N PRO A 265 -2.68 16.68 25.26
CA PRO A 265 -4.05 17.02 25.59
C PRO A 265 -4.94 15.80 25.42
N LYS A 266 -5.97 15.75 26.24
CA LYS A 266 -6.96 14.71 26.15
C LYS A 266 -8.05 15.18 25.20
N TYR A 267 -8.36 14.40 24.18
CA TYR A 267 -9.39 14.74 23.21
C TYR A 267 -10.53 13.79 23.29
N ALA A 268 -11.75 14.33 23.12
CA ALA A 268 -12.95 13.52 23.09
C ALA A 268 -13.10 12.86 21.73
N GLY A 269 -12.56 13.49 20.70
CA GLY A 269 -12.76 13.01 19.31
C GLY A 269 -14.06 13.58 18.79
N LEU A 270 -14.25 13.51 17.48
CA LEU A 270 -15.40 14.04 16.83
C LEU A 270 -16.22 12.86 16.35
N THR A 271 -17.52 12.97 16.35
CA THR A 271 -18.33 11.90 15.80
C THR A 271 -18.03 11.72 14.29
N PHE A 272 -18.34 10.55 13.73
CA PHE A 272 -18.12 10.34 12.28
C PHE A 272 -18.92 11.26 11.35
N PRO A 273 -20.13 11.68 11.79
CA PRO A 273 -20.82 12.67 10.96
C PRO A 273 -20.15 14.03 10.92
N LYS A 274 -19.41 14.37 11.97
CA LYS A 274 -18.61 15.58 11.94
C LYS A 274 -17.27 15.43 11.22
N LEU A 275 -16.67 14.25 11.35
CA LEU A 275 -15.48 13.91 10.56
C LEU A 275 -15.74 13.82 9.07
N PHE A 276 -16.92 13.32 8.68
CA PHE A 276 -17.25 13.15 7.29
C PHE A 276 -18.69 13.63 7.07
N PRO A 277 -18.88 14.95 6.93
CA PRO A 277 -20.26 15.50 6.81
C PRO A 277 -20.99 15.06 5.58
N ASP A 278 -22.32 15.12 5.62
CA ASP A 278 -23.16 14.81 4.46
C ASP A 278 -22.76 15.53 3.20
N SER A 279 -22.27 16.78 3.33
CA SER A 279 -21.91 17.56 2.17
C SER A 279 -20.81 16.92 1.33
N LEU A 280 -20.02 16.03 1.93
CA LEU A 280 -18.96 15.35 1.20
C LEU A 280 -19.46 14.20 0.33
N PHE A 281 -20.72 13.82 0.48
CA PHE A 281 -21.27 12.65 -0.20
C PHE A 281 -22.35 13.08 -1.19
N PRO A 282 -22.56 12.28 -2.24
CA PRO A 282 -23.72 12.42 -3.11
C PRO A 282 -25.02 12.54 -2.28
N ALA A 283 -25.96 13.40 -2.69
CA ALA A 283 -27.16 13.66 -1.91
C ALA A 283 -28.42 13.40 -2.75
N ASP A 284 -29.58 13.81 -2.26
CA ASP A 284 -30.78 13.97 -3.10
C ASP A 284 -31.36 12.65 -3.66
N SER A 285 -31.06 11.53 -3.01
CA SER A 285 -31.84 10.30 -3.25
C SER A 285 -31.75 9.42 -1.99
N GLU A 286 -32.76 8.59 -1.81
CA GLU A 286 -32.69 7.63 -0.71
C GLU A 286 -31.46 6.72 -0.81
N HIS A 287 -31.16 6.30 -2.03
CA HIS A 287 -29.97 5.48 -2.27
C HIS A 287 -28.70 6.18 -1.75
N ASN A 288 -28.54 7.45 -2.15
CA ASN A 288 -27.35 8.25 -1.74
C ASN A 288 -27.36 8.50 -0.22
N LYS A 289 -28.52 8.75 0.38
CA LYS A 289 -28.53 8.91 1.81
C LYS A 289 -28.10 7.65 2.52
N LEU A 290 -28.60 6.51 2.08
CA LEU A 290 -28.30 5.25 2.72
C LEU A 290 -26.81 4.89 2.54
N LYS A 291 -26.33 5.10 1.34
CA LYS A 291 -24.92 4.85 1.09
C LYS A 291 -23.97 5.77 1.85
N ALA A 292 -24.31 7.04 2.05
CA ALA A 292 -23.52 7.88 2.90
C ALA A 292 -23.51 7.31 4.33
N SER A 293 -24.66 6.87 4.80
CA SER A 293 -24.73 6.25 6.15
CA SER A 293 -24.71 6.27 6.14
C SER A 293 -23.86 4.99 6.26
N GLN A 294 -23.90 4.14 5.24
CA GLN A 294 -23.11 2.90 5.28
C GLN A 294 -21.62 3.21 5.17
N ALA A 295 -21.27 4.19 4.34
CA ALA A 295 -19.86 4.53 4.23
C ALA A 295 -19.31 5.06 5.57
N ARG A 296 -20.04 5.97 6.21
CA ARG A 296 -19.62 6.42 7.51
C ARG A 296 -19.58 5.30 8.54
N ASP A 297 -20.55 4.40 8.49
CA ASP A 297 -20.53 3.28 9.37
C ASP A 297 -19.24 2.47 9.21
N LEU A 298 -18.91 2.14 7.97
CA LEU A 298 -17.69 1.37 7.71
C LEU A 298 -16.47 2.16 8.17
N LEU A 299 -16.42 3.45 7.82
CA LEU A 299 -15.30 4.31 8.31
C LEU A 299 -15.15 4.27 9.84
N SER A 300 -16.27 4.34 10.53
CA SER A 300 -16.27 4.28 11.98
C SER A 300 -15.78 2.95 12.58
N LYS A 301 -15.82 1.90 11.77
CA LYS A 301 -15.35 0.60 12.18
C LYS A 301 -13.91 0.29 11.80
N MET A 302 -13.38 0.96 10.79
CA MET A 302 -12.01 0.74 10.35
C MET A 302 -11.05 1.73 11.02
N LEU A 303 -11.48 2.99 11.12
CA LEU A 303 -10.69 4.05 11.77
C LEU A 303 -10.91 4.02 13.29
N VAL A 304 -10.37 2.95 13.89
CA VAL A 304 -10.50 2.63 15.29
C VAL A 304 -9.11 2.43 15.81
N ILE A 305 -8.71 3.30 16.74
CA ILE A 305 -7.33 3.29 17.20
C ILE A 305 -6.97 1.96 17.84
N ASP A 306 -7.83 1.47 18.72
CA ASP A 306 -7.54 0.22 19.41
C ASP A 306 -7.83 -0.98 18.50
N PRO A 307 -6.81 -1.74 18.11
CA PRO A 307 -7.09 -2.87 17.17
C PRO A 307 -8.00 -3.96 17.76
N ALA A 308 -8.09 -4.02 19.09
CA ALA A 308 -9.03 -4.96 19.71
C ALA A 308 -10.50 -4.58 19.44
N LYS A 309 -10.78 -3.36 19.02
CA LYS A 309 -12.12 -2.91 18.71
C LYS A 309 -12.34 -2.62 17.23
N ARG A 310 -11.34 -2.88 16.38
CA ARG A 310 -11.37 -2.53 14.97
C ARG A 310 -11.87 -3.75 14.19
N ILE A 311 -12.67 -3.52 13.20
CA ILE A 311 -13.26 -4.56 12.31
CA ILE A 311 -13.22 -4.67 12.44
C ILE A 311 -12.16 -5.41 11.64
N SER A 312 -12.50 -6.67 11.32
CA SER A 312 -11.61 -7.52 10.57
C SER A 312 -11.76 -7.32 9.07
N VAL A 313 -10.80 -7.89 8.33
CA VAL A 313 -10.89 -7.95 6.89
C VAL A 313 -12.18 -8.60 6.37
N ASP A 314 -12.54 -9.75 6.92
CA ASP A 314 -13.79 -10.40 6.52
C ASP A 314 -15.02 -9.63 6.84
N ASP A 315 -15.05 -9.02 8.00
CA ASP A 315 -16.17 -8.17 8.32
C ASP A 315 -16.33 -6.99 7.42
N ALA A 316 -15.20 -6.38 7.01
CA ALA A 316 -15.24 -5.31 6.05
C ALA A 316 -15.78 -5.78 4.70
N LEU A 317 -15.32 -6.94 4.22
CA LEU A 317 -15.80 -7.52 2.97
C LEU A 317 -17.30 -7.78 2.98
N GLN A 318 -17.81 -8.13 4.15
CA GLN A 318 -19.21 -8.48 4.33
C GLN A 318 -20.07 -7.29 4.71
N HIS A 319 -19.47 -6.13 4.88
CA HIS A 319 -20.21 -4.93 5.24
C HIS A 319 -21.13 -4.53 4.09
N PRO A 320 -22.34 -4.02 4.41
CA PRO A 320 -23.25 -3.61 3.32
C PRO A 320 -22.74 -2.59 2.32
N TYR A 321 -21.77 -1.77 2.69
CA TYR A 321 -21.14 -0.86 1.75
C TYR A 321 -20.33 -1.59 0.63
N ILE A 322 -19.78 -2.73 0.99
CA ILE A 322 -18.81 -3.46 0.17
C ILE A 322 -19.44 -4.69 -0.47
N ASN A 323 -20.41 -5.33 0.22
CA ASN A 323 -20.70 -6.74 -0.06
C ASN A 323 -21.48 -7.00 -1.37
N VAL A 324 -21.97 -5.93 -2.02
CA VAL A 324 -22.62 -6.16 -3.30
CA VAL A 324 -22.58 -6.03 -3.34
C VAL A 324 -21.61 -6.71 -4.35
N TRP A 325 -20.31 -6.52 -4.14
CA TRP A 325 -19.30 -7.04 -5.03
C TRP A 325 -18.78 -8.45 -4.70
N TYR A 326 -19.19 -8.99 -3.56
CA TYR A 326 -18.58 -10.16 -3.00
C TYR A 326 -18.70 -11.32 -3.98
N ASP A 327 -17.55 -11.90 -4.31
CA ASP A 327 -17.46 -13.12 -5.14
C ASP A 327 -16.41 -14.04 -4.45
N PRO A 328 -16.84 -15.24 -3.98
CA PRO A 328 -15.88 -16.10 -3.29
C PRO A 328 -14.68 -16.48 -4.11
N ALA A 329 -14.80 -16.53 -5.43
CA ALA A 329 -13.64 -16.82 -6.28
C ALA A 329 -12.55 -15.76 -6.20
N GLU A 330 -12.95 -14.51 -5.92
CA GLU A 330 -12.00 -13.37 -5.70
C GLU A 330 -11.54 -13.24 -4.28
N VAL A 331 -12.47 -13.46 -3.35
CA VAL A 331 -12.21 -13.25 -1.98
C VAL A 331 -11.34 -14.33 -1.42
N GLU A 332 -11.57 -15.59 -1.82
CA GLU A 332 -10.84 -16.72 -1.25
C GLU A 332 -9.83 -17.33 -2.22
N ALA A 333 -9.42 -16.62 -3.24
CA ALA A 333 -8.39 -17.23 -4.16
C ALA A 333 -7.10 -17.50 -3.39
N PRO A 334 -6.60 -18.74 -3.39
CA PRO A 334 -5.49 -19.12 -2.50
C PRO A 334 -4.13 -18.76 -3.07
N PRO A 335 -3.17 -18.46 -2.18
CA PRO A 335 -1.80 -18.24 -2.61
C PRO A 335 -1.11 -19.56 -2.92
N PRO A 336 0.01 -19.48 -3.63
CA PRO A 336 0.84 -20.66 -3.96
C PRO A 336 1.36 -21.38 -2.72
N GLN A 337 1.58 -22.70 -2.82
CA GLN A 337 2.30 -23.46 -1.76
C GLN A 337 3.80 -23.17 -1.84
N ASP A 344 13.70 -14.70 5.43
CA ASP A 344 14.75 -14.50 6.40
C ASP A 344 15.28 -13.04 6.40
N GLU A 345 15.09 -12.35 7.53
CA GLU A 345 15.28 -10.91 7.58
C GLU A 345 16.46 -10.49 8.49
N ARG A 346 17.66 -10.98 8.14
CA ARG A 346 18.93 -10.50 8.73
C ARG A 346 19.43 -9.26 7.98
N GLU A 347 20.37 -8.53 8.60
CA GLU A 347 20.96 -7.37 7.95
C GLU A 347 22.18 -7.85 7.16
N HIS A 348 22.63 -7.05 6.23
CA HIS A 348 23.74 -7.43 5.39
C HIS A 348 24.54 -6.20 4.99
N THR A 349 25.76 -6.43 4.55
CA THR A 349 26.58 -5.39 3.97
C THR A 349 26.07 -5.03 2.55
N ILE A 350 26.54 -3.92 2.01
CA ILE A 350 26.19 -3.54 0.64
C ILE A 350 26.54 -4.68 -0.33
N GLU A 351 27.75 -5.27 -0.18
CA GLU A 351 28.19 -6.30 -1.09
C GLU A 351 27.36 -7.58 -0.97
N GLU A 352 26.99 -7.94 0.25
CA GLU A 352 26.06 -9.06 0.49
C GLU A 352 24.71 -8.81 -0.17
N TRP A 353 24.14 -7.62 0.06
CA TRP A 353 22.85 -7.27 -0.57
C TRP A 353 22.96 -7.32 -2.11
N LYS A 354 24.06 -6.83 -2.64
CA LYS A 354 24.26 -6.79 -4.06
C LYS A 354 24.20 -8.22 -4.63
N GLU A 355 24.87 -9.17 -3.97
CA GLU A 355 24.90 -10.53 -4.46
C GLU A 355 23.56 -11.25 -4.33
N LEU A 356 22.88 -11.02 -3.20
CA LEU A 356 21.58 -11.57 -2.99
C LEU A 356 20.59 -11.12 -4.04
N ILE A 357 20.59 -9.82 -4.34
CA ILE A 357 19.69 -9.30 -5.36
C ILE A 357 20.06 -9.81 -6.75
N TYR A 358 21.35 -9.80 -7.07
CA TYR A 358 21.82 -10.29 -8.36
C TYR A 358 21.37 -11.72 -8.58
N LYS A 359 21.55 -12.56 -7.56
CA LYS A 359 21.11 -13.99 -7.64
C LYS A 359 19.61 -14.13 -7.89
N GLU A 360 18.77 -13.39 -7.16
CA GLU A 360 17.32 -13.40 -7.44
C GLU A 360 17.01 -12.99 -8.85
N VAL A 361 17.69 -11.97 -9.38
CA VAL A 361 17.41 -11.51 -10.73
C VAL A 361 17.79 -12.58 -11.74
N MET A 362 18.94 -13.18 -11.54
CA MET A 362 19.44 -14.17 -12.50
C MET A 362 18.59 -15.42 -12.53
N ASN A 363 17.94 -15.76 -11.41
CA ASN A 363 17.24 -17.03 -11.29
C ASN A 363 15.76 -17.02 -11.68
N SER A 364 15.14 -15.85 -11.86
CA SER A 364 13.83 -15.79 -12.55
C SER A 364 13.76 -14.53 -13.37
#